data_3BFI
#
_entry.id   3BFI
#
_cell.length_a   133.020
_cell.length_b   133.020
_cell.length_c   133.020
_cell.angle_alpha   90.00
_cell.angle_beta   90.00
_cell.angle_gamma   90.00
#
_symmetry.space_group_name_H-M   'I 21 3'
#
loop_
_entity.id
_entity.type
_entity.pdbx_description
1 polymer 'Thymidylate synthase'
2 non-polymer 'SULFATE ION'
3 non-polymer "2'-DEOXY-5-NITROURIDINE 5'-MONOPHOSPHATE"
4 water water
#
_entity_poly.entity_id   1
_entity_poly.type   'polypeptide(L)'
_entity_poly.pdbx_seq_one_letter_code
;(CXM)KQYLELMQKVLDEGTQKNDRTGTGTLSIFGHQMRFNLQDGFPLVTTKRCHLRSIIHELLWFLQGDTNIAYLHENN
VTIWDEWADENGDLGPVYGKQWRAWPTPDGRHIDQITTVLNQLKNDPDSRRIIVSAWNVGELDKMALAPCHAFFQFYVAD
GKLSCQLYQRSCDVFLGLPFNIASYALLVHMMAQQCDLEVGDFVWTGGDTHLMSNHMDQTHLQLSREPRPLPKLIIKRKP
ESIFDYRFEDFEIEGYDPHPGIKAPVAI
;
_entity_poly.pdbx_strand_id   A
#
loop_
_chem_comp.id
_chem_comp.type
_chem_comp.name
_chem_comp.formula
NDU DNA linking '2'-DEOXY-5-NITROURIDINE 5'-MONOPHOSPHATE' 'C9 H14 N3 O10 P'
SO4 non-polymer 'SULFATE ION' 'O4 S -2'
#
# COMPACT_ATOMS: atom_id res chain seq x y z
N CXM A 1 -4.91 8.27 12.63
CA CXM A 1 -4.37 7.31 13.56
CB CXM A 1 -3.82 6.08 12.82
CG CXM A 1 -4.90 5.15 12.32
SD CXM A 1 -4.29 3.81 11.28
CE CXM A 1 -3.38 4.68 10.02
C CXM A 1 -3.22 8.04 14.21
O CXM A 1 -2.51 8.80 13.57
CN CXM A 1 -6.19 8.44 12.35
ON1 CXM A 1 -7.02 7.60 12.68
ON2 CXM A 1 -6.46 9.18 11.40
N LYS A 2 -3.20 7.56 15.43
CA LYS A 2 -2.18 8.00 16.35
C LYS A 2 -0.77 8.01 15.69
N GLN A 3 -0.33 6.85 15.18
CA GLN A 3 1.03 6.70 14.61
C GLN A 3 1.18 7.61 13.40
N TYR A 4 0.15 7.65 12.56
CA TYR A 4 0.11 8.52 11.40
C TYR A 4 0.21 10.02 11.72
N LEU A 5 -0.61 10.49 12.68
CA LEU A 5 -0.52 11.91 13.11
C LEU A 5 0.83 12.27 13.72
N GLU A 6 1.47 11.34 14.43
CA GLU A 6 2.81 11.60 14.98
C GLU A 6 3.84 11.76 13.87
N LEU A 7 3.70 10.95 12.79
CA LEU A 7 4.58 11.09 11.61
C LEU A 7 4.36 12.49 10.96
N MET A 8 3.09 12.81 10.76
CA MET A 8 2.72 14.09 10.19
C MET A 8 3.37 15.25 10.98
N GLN A 9 3.21 15.26 12.31
CA GLN A 9 3.84 16.28 13.17
C GLN A 9 5.36 16.26 13.06
N LYS A 10 5.94 15.06 13.02
CA LYS A 10 7.38 14.93 12.91
C LYS A 10 7.97 15.50 11.62
N VAL A 11 7.27 15.35 10.50
CA VAL A 11 7.71 15.96 9.23
C VAL A 11 7.66 17.48 9.28
N LEU A 12 6.58 18.04 9.83
CA LEU A 12 6.46 19.48 10.06
C LEU A 12 7.57 19.98 10.96
N ASP A 13 7.77 19.33 12.10
CA ASP A 13 8.82 19.74 13.03
C ASP A 13 10.24 19.48 12.56
N GLU A 14 10.45 18.39 11.85
CA GLU A 14 11.83 18.02 11.56
C GLU A 14 12.21 18.01 10.08
N GLY A 15 11.22 18.13 9.18
CA GLY A 15 11.51 18.03 7.75
C GLY A 15 12.50 19.07 7.28
N THR A 16 13.34 18.74 6.33
CA THR A 16 14.18 19.74 5.71
C THR A 16 13.53 20.11 4.37
N GLN A 17 13.72 21.34 3.92
CA GLN A 17 13.14 21.80 2.65
C GLN A 17 13.88 21.15 1.53
N LYS A 18 13.18 20.38 0.72
CA LYS A 18 13.84 19.63 -0.34
C LYS A 18 13.03 19.80 -1.62
N ASN A 19 13.67 20.12 -2.72
CA ASN A 19 12.91 20.10 -3.96
C ASN A 19 12.65 18.71 -4.47
N ASP A 20 11.53 18.56 -5.20
CA ASP A 20 11.28 17.32 -5.90
C ASP A 20 11.19 17.55 -7.41
N ARG A 21 10.93 16.48 -8.15
CA ARG A 21 10.99 16.52 -9.62
C ARG A 21 9.85 17.34 -10.22
N THR A 22 8.74 17.48 -9.48
CA THR A 22 7.63 18.37 -9.90
C THR A 22 8.00 19.85 -9.85
N GLY A 23 8.95 20.22 -9.00
CA GLY A 23 9.28 21.62 -8.78
C GLY A 23 8.63 22.18 -7.51
N THR A 24 7.60 21.51 -6.98
CA THR A 24 6.99 21.92 -5.69
C THR A 24 8.00 21.61 -4.58
N GLY A 25 8.09 22.47 -3.59
CA GLY A 25 8.95 22.04 -2.49
C GLY A 25 8.30 20.88 -1.73
N THR A 26 9.11 20.16 -0.98
CA THR A 26 8.59 19.26 0.05
C THR A 26 9.31 19.59 1.33
N LEU A 27 8.70 19.16 2.42
CA LEU A 27 9.37 19.00 3.69
C LEU A 27 9.59 17.48 3.79
N SER A 28 10.84 17.06 4.02
CA SER A 28 11.24 15.67 3.90
C SER A 28 12.08 15.19 5.10
N ILE A 29 11.79 13.97 5.58
CA ILE A 29 12.69 13.27 6.50
C ILE A 29 13.06 11.97 5.81
N PHE A 30 14.17 11.38 6.25
CA PHE A 30 14.65 10.14 5.69
C PHE A 30 14.73 9.08 6.79
N GLY A 31 13.95 8.02 6.62
CA GLY A 31 14.02 6.90 7.54
C GLY A 31 13.01 7.10 8.63
N HIS A 32 11.95 6.30 8.61
CA HIS A 32 10.99 6.31 9.70
C HIS A 32 10.35 4.93 9.72
N GLN A 33 9.86 4.47 10.87
CA GLN A 33 9.21 3.16 10.96
C GLN A 33 8.03 3.24 11.91
N MET A 34 6.91 2.62 11.54
CA MET A 34 5.75 2.61 12.41
C MET A 34 5.26 1.17 12.44
N ARG A 35 4.47 0.82 13.43
CA ARG A 35 3.94 -0.53 13.58
C ARG A 35 2.44 -0.48 13.89
N PHE A 36 1.69 -1.38 13.29
CA PHE A 36 0.28 -1.51 13.46
C PHE A 36 0.01 -2.92 13.87
N ASN A 37 -0.53 -3.10 15.08
CA ASN A 37 -1.02 -4.42 15.47
C ASN A 37 -2.36 -4.62 14.77
N LEU A 38 -2.42 -5.55 13.83
CA LEU A 38 -3.64 -5.72 13.07
C LEU A 38 -4.75 -6.33 13.93
N GLN A 39 -4.39 -6.87 15.10
CA GLN A 39 -5.46 -7.36 15.98
C GLN A 39 -6.19 -6.22 16.68
N ASP A 40 -5.56 -5.05 16.77
CA ASP A 40 -6.22 -3.85 17.30
C ASP A 40 -7.24 -3.16 16.35
N GLY A 41 -7.34 -3.62 15.10
CA GLY A 41 -8.30 -3.07 14.15
C GLY A 41 -7.65 -2.74 12.83
N PHE A 42 -8.48 -2.57 11.79
CA PHE A 42 -8.04 -2.19 10.46
C PHE A 42 -7.44 -0.78 10.42
N PRO A 43 -6.17 -0.64 9.97
CA PRO A 43 -5.55 0.69 9.98
C PRO A 43 -5.98 1.61 8.80
N LEU A 44 -7.25 2.00 8.80
CA LEU A 44 -7.78 3.04 7.91
C LEU A 44 -7.88 4.36 8.64
N VAL A 45 -7.16 5.37 8.14
CA VAL A 45 -7.16 6.72 8.68
C VAL A 45 -8.61 7.22 8.95
N THR A 46 -8.86 7.60 10.20
CA THR A 46 -10.19 8.10 10.63
C THR A 46 -10.26 9.63 10.63
N THR A 47 -9.11 10.30 10.69
CA THR A 47 -9.10 11.76 10.78
C THR A 47 -9.31 12.45 9.44
N LYS A 48 -9.58 11.65 8.40
CA LYS A 48 -10.14 12.14 7.14
C LYS A 48 -10.77 10.97 6.42
N ARG A 49 -11.88 11.18 5.73
CA ARG A 49 -12.56 10.04 5.08
C ARG A 49 -11.74 9.48 3.92
N CYS A 50 -11.51 8.17 3.94
CA CYS A 50 -10.81 7.47 2.89
C CYS A 50 -11.74 6.54 2.16
N HIS A 51 -11.78 6.64 0.83
N HIS A 51 -11.65 6.62 0.83
CA HIS A 51 -12.63 5.76 0.06
CA HIS A 51 -12.38 5.83 -0.18
C HIS A 51 -11.88 4.45 -0.27
C HIS A 51 -11.75 4.41 -0.26
N LEU A 52 -12.24 3.44 0.52
CA LEU A 52 -11.72 2.06 0.47
C LEU A 52 -11.92 1.35 -0.88
N ARG A 53 -13.00 1.68 -1.57
CA ARG A 53 -13.36 1.11 -2.86
C ARG A 53 -12.17 1.03 -3.86
N SER A 54 -11.48 2.15 -4.07
CA SER A 54 -10.26 2.24 -4.88
C SER A 54 -9.06 1.38 -4.45
N ILE A 55 -8.77 1.38 -3.14
CA ILE A 55 -7.76 0.56 -2.52
C ILE A 55 -7.97 -0.91 -2.88
N ILE A 56 -9.19 -1.41 -2.63
CA ILE A 56 -9.55 -2.79 -2.92
C ILE A 56 -9.35 -3.16 -4.39
N HIS A 57 -9.99 -2.40 -5.28
CA HIS A 57 -9.84 -2.66 -6.71
C HIS A 57 -8.39 -2.63 -7.19
N GLU A 58 -7.62 -1.65 -6.74
CA GLU A 58 -6.20 -1.59 -7.09
C GLU A 58 -5.47 -2.89 -6.64
N LEU A 59 -5.71 -3.33 -5.41
CA LEU A 59 -5.03 -4.52 -4.89
C LEU A 59 -5.37 -5.77 -5.70
N LEU A 60 -6.66 -5.92 -6.02
CA LEU A 60 -7.13 -7.05 -6.84
C LEU A 60 -6.48 -7.00 -8.23
N TRP A 61 -6.33 -5.79 -8.77
CA TRP A 61 -5.67 -5.56 -10.05
C TRP A 61 -4.18 -5.94 -9.99
N PHE A 62 -3.47 -5.52 -8.94
CA PHE A 62 -2.07 -5.95 -8.69
C PHE A 62 -1.97 -7.50 -8.73
N LEU A 63 -2.83 -8.16 -7.99
CA LEU A 63 -2.80 -9.62 -7.88
C LEU A 63 -3.10 -10.35 -9.19
N GLN A 64 -3.76 -9.69 -10.12
CA GLN A 64 -4.03 -10.27 -11.43
C GLN A 64 -2.78 -10.21 -12.34
N GLY A 65 -1.81 -9.35 -12.03
CA GLY A 65 -0.57 -9.21 -12.85
C GLY A 65 -0.80 -8.33 -14.04
N ASP A 66 -1.95 -7.68 -14.04
CA ASP A 66 -2.47 -6.77 -15.04
C ASP A 66 -1.76 -5.46 -14.88
N THR A 67 -1.25 -4.89 -15.98
CA THR A 67 -0.68 -3.54 -15.89
C THR A 67 -1.36 -2.55 -16.84
N ASN A 68 -2.49 -2.96 -17.41
CA ASN A 68 -3.30 -2.10 -18.23
C ASN A 68 -4.49 -1.64 -17.36
N ILE A 69 -4.84 -0.37 -17.42
CA ILE A 69 -5.89 0.17 -16.53
C ILE A 69 -7.32 -0.25 -16.86
N ALA A 70 -7.51 -0.98 -17.97
CA ALA A 70 -8.84 -1.41 -18.42
C ALA A 70 -9.73 -1.95 -17.30
N TYR A 71 -9.19 -2.89 -16.50
CA TYR A 71 -9.91 -3.44 -15.34
C TYR A 71 -10.34 -2.34 -14.36
N LEU A 72 -9.46 -1.35 -14.14
CA LEU A 72 -9.79 -0.30 -13.20
C LEU A 72 -10.96 0.54 -13.78
N HIS A 73 -10.90 0.83 -15.08
CA HIS A 73 -12.00 1.50 -15.80
C HIS A 73 -13.37 0.81 -15.78
N GLU A 74 -13.41 -0.51 -15.96
CA GLU A 74 -14.67 -1.27 -15.87
C GLU A 74 -15.38 -0.95 -14.57
N ASN A 75 -14.60 -0.47 -13.60
CA ASN A 75 -15.07 -0.30 -12.24
C ASN A 75 -15.05 1.17 -11.85
N ASN A 76 -14.78 2.01 -12.85
CA ASN A 76 -14.67 3.47 -12.71
C ASN A 76 -13.72 3.91 -11.58
N VAL A 77 -12.55 3.28 -11.58
CA VAL A 77 -11.43 3.63 -10.73
C VAL A 77 -10.41 4.34 -11.62
N THR A 78 -10.11 5.60 -11.30
CA THR A 78 -9.33 6.47 -12.19
C THR A 78 -7.96 6.88 -11.60
N ILE A 79 -7.59 6.27 -10.48
CA ILE A 79 -6.34 6.65 -9.79
C ILE A 79 -5.04 6.43 -10.61
N TRP A 80 -5.09 5.64 -11.68
CA TRP A 80 -3.87 5.42 -12.49
C TRP A 80 -3.86 6.13 -13.83
N ASP A 81 -4.93 6.86 -14.09
CA ASP A 81 -5.12 7.55 -15.38
C ASP A 81 -4.00 8.50 -15.76
N GLU A 82 -3.52 9.30 -14.81
CA GLU A 82 -2.50 10.30 -15.17
C GLU A 82 -1.19 9.69 -15.64
N TRP A 83 -0.96 8.41 -15.33
CA TRP A 83 0.30 7.74 -15.72
C TRP A 83 0.17 6.85 -16.95
N ALA A 84 -1.07 6.46 -17.28
CA ALA A 84 -1.32 5.52 -18.38
C ALA A 84 -1.08 6.21 -19.74
N ASP A 85 -0.68 5.43 -20.73
CA ASP A 85 -0.56 5.96 -22.10
C ASP A 85 -1.92 5.78 -22.81
N GLU A 86 -2.00 6.16 -24.09
CA GLU A 86 -3.29 6.14 -24.85
C GLU A 86 -3.99 4.77 -24.87
N ASN A 87 -3.19 3.69 -24.93
CA ASN A 87 -3.72 2.31 -24.78
C ASN A 87 -4.16 1.93 -23.34
N GLY A 88 -3.79 2.76 -22.36
CA GLY A 88 -4.07 2.43 -20.97
C GLY A 88 -3.00 1.55 -20.30
N ASP A 89 -1.83 1.49 -20.92
CA ASP A 89 -0.67 0.74 -20.43
C ASP A 89 0.23 1.57 -19.53
N LEU A 90 0.69 0.93 -18.45
CA LEU A 90 1.58 1.56 -17.48
C LEU A 90 3.03 1.10 -17.57
N GLY A 91 3.29 0.10 -18.40
CA GLY A 91 4.57 -0.57 -18.43
C GLY A 91 4.59 -1.65 -17.35
N PRO A 92 5.73 -2.31 -17.17
CA PRO A 92 5.78 -3.45 -16.25
C PRO A 92 5.85 -3.07 -14.75
N VAL A 93 4.84 -2.32 -14.29
CA VAL A 93 4.76 -1.86 -12.89
C VAL A 93 4.28 -2.98 -11.95
N TYR A 94 4.07 -2.65 -10.68
CA TYR A 94 3.78 -3.59 -9.60
C TYR A 94 3.30 -5.00 -9.97
N GLY A 95 2.04 -5.12 -10.39
CA GLY A 95 1.43 -6.41 -10.73
C GLY A 95 2.24 -7.31 -11.64
N LYS A 96 2.87 -6.73 -12.66
CA LYS A 96 3.73 -7.52 -13.53
C LYS A 96 4.93 -8.19 -12.77
N GLN A 97 5.58 -7.43 -11.90
CA GLN A 97 6.70 -7.91 -11.09
C GLN A 97 6.27 -8.88 -10.01
N TRP A 98 5.12 -8.64 -9.36
CA TRP A 98 4.58 -9.57 -8.38
C TRP A 98 4.32 -10.96 -8.95
N ARG A 99 3.73 -11.01 -10.15
CA ARG A 99 3.19 -12.23 -10.70
C ARG A 99 4.04 -12.86 -11.81
N ALA A 100 4.95 -12.08 -12.39
CA ALA A 100 5.58 -12.49 -13.62
C ALA A 100 6.90 -11.75 -13.82
N TRP A 101 7.75 -11.74 -12.80
CA TRP A 101 9.11 -11.15 -12.88
C TRP A 101 9.92 -11.89 -13.94
N PRO A 102 10.36 -11.18 -15.01
CA PRO A 102 11.10 -11.86 -16.07
C PRO A 102 12.59 -12.09 -15.82
N THR A 103 13.04 -13.32 -16.06
CA THR A 103 14.43 -13.72 -15.77
C THR A 103 15.24 -13.61 -17.07
N PRO A 104 16.58 -13.55 -16.97
CA PRO A 104 17.29 -13.54 -18.24
C PRO A 104 17.13 -14.82 -19.09
N ASP A 105 16.76 -15.95 -18.49
CA ASP A 105 16.62 -17.21 -19.24
C ASP A 105 15.21 -17.50 -19.80
N GLY A 106 14.32 -16.52 -19.77
CA GLY A 106 13.00 -16.68 -20.39
C GLY A 106 11.87 -17.14 -19.49
N ARG A 107 12.14 -17.31 -18.19
CA ARG A 107 11.09 -17.59 -17.22
C ARG A 107 10.37 -16.31 -16.72
N HIS A 108 9.23 -16.51 -16.07
CA HIS A 108 8.49 -15.43 -15.45
C HIS A 108 8.18 -15.88 -14.03
N ILE A 109 8.71 -15.20 -13.01
CA ILE A 109 8.55 -15.72 -11.66
C ILE A 109 7.31 -15.18 -10.93
N ASP A 110 6.49 -16.09 -10.42
CA ASP A 110 5.29 -15.75 -9.68
C ASP A 110 5.68 -15.60 -8.22
N GLN A 111 5.87 -14.36 -7.76
CA GLN A 111 6.39 -14.12 -6.43
C GLN A 111 5.31 -14.32 -5.38
N ILE A 112 4.07 -14.05 -5.76
CA ILE A 112 2.93 -14.25 -4.84
C ILE A 112 2.74 -15.75 -4.51
N THR A 113 2.65 -16.61 -5.52
CA THR A 113 2.65 -18.05 -5.26
C THR A 113 3.88 -18.53 -4.48
N THR A 114 5.06 -18.02 -4.83
CA THR A 114 6.26 -18.41 -4.07
C THR A 114 6.11 -18.17 -2.58
N VAL A 115 5.62 -17.00 -2.22
CA VAL A 115 5.43 -16.58 -0.87
C VAL A 115 4.37 -17.45 -0.15
N LEU A 116 3.28 -17.80 -0.84
CA LEU A 116 2.28 -18.73 -0.32
C LEU A 116 2.82 -20.12 -0.07
N ASN A 117 3.62 -20.63 -1.00
CA ASN A 117 4.32 -21.91 -0.77
C ASN A 117 5.15 -21.82 0.50
N GLN A 118 5.96 -20.78 0.63
CA GLN A 118 6.88 -20.69 1.78
C GLN A 118 6.09 -20.56 3.05
N LEU A 119 5.05 -19.75 3.04
CA LEU A 119 4.30 -19.55 4.27
C LEU A 119 3.67 -20.86 4.77
N LYS A 120 3.37 -21.77 3.84
CA LYS A 120 2.65 -22.99 4.13
C LYS A 120 3.61 -24.10 4.50
N ASN A 121 4.75 -24.16 3.81
CA ASN A 121 5.73 -25.25 3.91
C ASN A 121 7.01 -24.91 4.66
N ASP A 122 7.33 -23.63 4.81
CA ASP A 122 8.58 -23.26 5.51
C ASP A 122 8.40 -21.91 6.22
N PRO A 123 7.44 -21.86 7.17
CA PRO A 123 7.07 -20.58 7.81
C PRO A 123 8.16 -19.87 8.61
N ASP A 124 9.20 -20.60 9.04
CA ASP A 124 10.31 -19.95 9.74
C ASP A 124 11.33 -19.30 8.80
N SER A 125 11.17 -19.48 7.50
CA SER A 125 12.06 -18.83 6.52
C SER A 125 12.25 -17.32 6.76
N ARG A 126 13.50 -16.88 6.67
CA ARG A 126 13.81 -15.45 6.73
C ARG A 126 13.99 -14.83 5.33
N ARG A 127 13.47 -15.54 4.33
CA ARG A 127 13.58 -15.15 2.91
C ARG A 127 12.20 -15.02 2.22
N ILE A 128 11.15 -14.75 2.97
CA ILE A 128 9.84 -14.73 2.34
C ILE A 128 9.57 -13.30 1.86
N ILE A 129 9.98 -13.01 0.64
CA ILE A 129 10.05 -11.64 0.15
C ILE A 129 9.40 -11.51 -1.22
N VAL A 130 8.72 -10.37 -1.42
CA VAL A 130 8.28 -9.92 -2.73
C VAL A 130 9.00 -8.60 -3.04
N SER A 131 9.66 -8.51 -4.19
CA SER A 131 10.24 -7.26 -4.69
C SER A 131 9.61 -6.77 -6.01
N ALA A 132 9.25 -5.48 -6.08
CA ALA A 132 8.84 -4.86 -7.36
C ALA A 132 10.04 -4.16 -7.99
N TRP A 133 11.19 -4.17 -7.31
CA TRP A 133 12.33 -3.38 -7.75
C TRP A 133 13.17 -4.21 -8.76
N ASN A 134 12.64 -4.32 -9.97
CA ASN A 134 13.32 -5.02 -11.02
C ASN A 134 14.14 -4.01 -11.83
N VAL A 135 15.43 -3.96 -11.50
CA VAL A 135 16.38 -2.99 -12.07
C VAL A 135 16.37 -2.96 -13.61
N GLY A 136 16.25 -4.11 -14.25
CA GLY A 136 16.32 -4.15 -15.71
C GLY A 136 15.04 -3.66 -16.38
N GLU A 137 13.93 -3.57 -15.63
CA GLU A 137 12.66 -3.09 -16.20
C GLU A 137 12.24 -1.68 -15.75
N LEU A 138 13.02 -1.02 -14.88
CA LEU A 138 12.67 0.32 -14.40
C LEU A 138 12.43 1.36 -15.49
N ASP A 139 13.29 1.38 -16.51
CA ASP A 139 13.19 2.31 -17.63
C ASP A 139 11.84 2.30 -18.37
N LYS A 140 11.15 1.16 -18.32
CA LYS A 140 9.94 0.86 -19.07
C LYS A 140 8.68 1.14 -18.27
N MET A 141 8.83 1.33 -16.97
CA MET A 141 7.71 1.61 -16.07
C MET A 141 7.31 3.08 -16.17
N ALA A 142 6.01 3.37 -16.15
CA ALA A 142 5.54 4.79 -16.08
C ALA A 142 6.21 5.53 -14.90
N LEU A 143 6.35 4.83 -13.77
CA LEU A 143 7.18 5.34 -12.68
C LEU A 143 7.77 4.23 -11.82
N ALA A 144 8.85 4.51 -11.13
CA ALA A 144 9.49 3.52 -10.28
C ALA A 144 8.56 3.19 -9.09
N PRO A 145 8.49 1.91 -8.68
CA PRO A 145 7.57 1.57 -7.57
C PRO A 145 7.90 2.37 -6.29
N CYS A 146 6.86 2.90 -5.62
CA CYS A 146 7.09 3.64 -4.35
C CYS A 146 7.17 2.66 -3.22
N HIS A 147 6.18 1.76 -3.14
CA HIS A 147 6.22 0.63 -2.24
C HIS A 147 6.99 -0.50 -2.94
N ALA A 148 8.28 -0.65 -2.62
CA ALA A 148 9.19 -1.38 -3.51
C ALA A 148 9.47 -2.84 -3.14
N PHE A 149 9.34 -3.17 -1.85
CA PHE A 149 9.94 -4.38 -1.32
C PHE A 149 9.21 -4.75 -0.03
N PHE A 150 8.73 -5.98 0.07
CA PHE A 150 8.12 -6.39 1.34
C PHE A 150 8.47 -7.81 1.79
N GLN A 151 8.40 -8.04 3.10
CA GLN A 151 8.87 -9.28 3.69
C GLN A 151 7.77 -9.77 4.63
N PHE A 152 7.43 -11.06 4.54
CA PHE A 152 6.56 -11.68 5.51
C PHE A 152 7.33 -12.43 6.60
N TYR A 153 6.67 -12.64 7.73
CA TYR A 153 7.27 -13.24 8.93
C TYR A 153 6.21 -13.95 9.75
N VAL A 154 6.51 -15.19 10.17
CA VAL A 154 5.56 -15.98 10.98
C VAL A 154 6.21 -16.31 12.30
N ALA A 155 5.56 -15.92 13.38
CA ALA A 155 5.93 -16.39 14.72
C ALA A 155 4.64 -16.55 15.48
N ASP A 156 4.49 -17.69 16.18
CA ASP A 156 3.38 -17.95 17.13
C ASP A 156 2.02 -17.92 16.46
N GLY A 157 1.91 -18.56 15.29
CA GLY A 157 0.70 -18.54 14.48
C GLY A 157 0.23 -17.18 13.94
N LYS A 158 1.10 -16.17 14.00
CA LYS A 158 0.77 -14.83 13.54
C LYS A 158 1.60 -14.44 12.30
N LEU A 159 0.90 -13.98 11.24
CA LEU A 159 1.52 -13.41 10.06
C LEU A 159 1.75 -11.91 10.19
N SER A 160 3.03 -11.49 10.28
CA SER A 160 3.44 -10.09 10.13
C SER A 160 4.02 -9.79 8.76
N CYS A 161 4.07 -8.51 8.38
CA CYS A 161 4.59 -8.08 7.10
C CYS A 161 5.35 -6.76 7.30
N GLN A 162 6.53 -6.61 6.70
CA GLN A 162 7.21 -5.30 6.66
C GLN A 162 7.36 -4.78 5.23
N LEU A 163 6.94 -3.51 5.01
CA LEU A 163 7.07 -2.86 3.73
C LEU A 163 8.19 -1.83 3.76
N TYR A 164 9.07 -1.85 2.75
CA TYR A 164 10.01 -0.79 2.57
C TYR A 164 9.42 0.09 1.48
N GLN A 165 9.08 1.33 1.83
CA GLN A 165 8.55 2.27 0.87
C GLN A 165 9.62 3.35 0.64
N ARG A 166 10.26 3.33 -0.54
CA ARG A 166 11.36 4.28 -0.87
C ARG A 166 10.97 5.78 -0.85
N SER A 167 9.70 6.05 -1.11
CA SER A 167 9.25 7.42 -1.29
C SER A 167 7.82 7.50 -0.88
N CYS A 168 7.47 8.50 -0.07
CA CYS A 168 6.11 8.52 0.52
C CYS A 168 5.51 9.93 0.67
N ASP A 169 4.43 10.18 -0.06
CA ASP A 169 3.69 11.40 0.11
C ASP A 169 2.77 11.16 1.32
N VAL A 170 3.09 11.79 2.45
CA VAL A 170 2.45 11.44 3.71
C VAL A 170 0.98 11.77 3.67
N PHE A 171 0.62 12.85 2.97
CA PHE A 171 -0.77 13.27 2.93
C PHE A 171 -1.64 12.45 1.96
N LEU A 172 -1.25 12.39 0.69
CA LEU A 172 -2.03 11.71 -0.32
C LEU A 172 -1.75 10.22 -0.43
N GLY A 173 -0.48 9.81 -0.30
CA GLY A 173 -0.12 8.44 -0.57
C GLY A 173 -0.24 7.48 0.61
N LEU A 174 0.33 7.86 1.74
CA LEU A 174 0.46 6.96 2.87
C LEU A 174 -0.85 6.28 3.38
N PRO A 175 -1.94 7.05 3.60
CA PRO A 175 -3.18 6.43 4.12
C PRO A 175 -3.63 5.24 3.26
N PHE A 176 -3.36 5.38 1.98
CA PHE A 176 -3.81 4.45 1.00
C PHE A 176 -2.85 3.24 0.96
N ASN A 177 -1.55 3.49 1.02
CA ASN A 177 -0.55 2.41 1.11
C ASN A 177 -0.70 1.51 2.36
N ILE A 178 -1.05 2.09 3.51
CA ILE A 178 -1.15 1.28 4.75
C ILE A 178 -2.35 0.33 4.65
N ALA A 179 -3.48 0.87 4.22
CA ALA A 179 -4.72 0.05 4.06
C ALA A 179 -4.53 -1.07 3.05
N SER A 180 -3.84 -0.77 1.97
CA SER A 180 -3.62 -1.72 0.91
C SER A 180 -2.77 -2.89 1.40
N TYR A 181 -1.66 -2.62 2.07
CA TYR A 181 -0.86 -3.72 2.65
C TYR A 181 -1.54 -4.48 3.82
N ALA A 182 -2.30 -3.80 4.66
CA ALA A 182 -3.06 -4.48 5.72
C ALA A 182 -4.08 -5.45 5.14
N LEU A 183 -4.75 -5.04 4.07
CA LEU A 183 -5.69 -5.89 3.40
C LEU A 183 -4.94 -7.11 2.86
N LEU A 184 -3.81 -6.90 2.17
CA LEU A 184 -3.02 -8.05 1.69
C LEU A 184 -2.60 -9.03 2.80
N VAL A 185 -2.14 -8.52 3.94
CA VAL A 185 -1.81 -9.36 5.07
C VAL A 185 -3.03 -10.19 5.51
N HIS A 186 -4.20 -9.58 5.63
CA HIS A 186 -5.46 -10.32 5.96
C HIS A 186 -5.76 -11.41 4.94
N MET A 187 -5.69 -11.13 3.63
CA MET A 187 -5.92 -12.18 2.62
C MET A 187 -4.87 -13.34 2.65
N MET A 188 -3.60 -12.99 2.82
CA MET A 188 -2.52 -13.96 2.97
C MET A 188 -2.70 -14.89 4.23
N ALA A 189 -2.99 -14.28 5.38
CA ALA A 189 -3.30 -14.99 6.63
C ALA A 189 -4.48 -15.93 6.46
N GLN A 190 -5.53 -15.46 5.79
CA GLN A 190 -6.70 -16.30 5.58
C GLN A 190 -6.35 -17.55 4.77
N GLN A 191 -5.57 -17.38 3.70
CA GLN A 191 -5.22 -18.45 2.80
C GLN A 191 -4.24 -19.45 3.41
N CYS A 192 -3.52 -19.04 4.46
CA CYS A 192 -2.46 -19.86 5.06
C CYS A 192 -2.88 -20.39 6.41
N ASP A 193 -4.12 -20.07 6.81
CA ASP A 193 -4.67 -20.43 8.12
C ASP A 193 -3.89 -19.91 9.27
N LEU A 194 -3.51 -18.63 9.18
CA LEU A 194 -2.75 -17.98 10.24
C LEU A 194 -3.56 -16.82 10.78
N GLU A 195 -3.17 -16.32 11.96
CA GLU A 195 -3.77 -15.12 12.51
C GLU A 195 -2.98 -13.92 11.98
N VAL A 196 -3.58 -12.73 11.99
CA VAL A 196 -2.82 -11.54 11.60
C VAL A 196 -1.96 -11.06 12.76
N GLY A 197 -0.75 -10.62 12.43
CA GLY A 197 0.16 -10.05 13.40
C GLY A 197 0.30 -8.55 13.16
N ASP A 198 1.54 -8.09 12.97
CA ASP A 198 1.86 -6.67 12.77
C ASP A 198 2.06 -6.31 11.30
N PHE A 199 1.68 -5.10 10.91
CA PHE A 199 2.18 -4.50 9.68
C PHE A 199 3.21 -3.47 10.08
N VAL A 200 4.42 -3.58 9.57
CA VAL A 200 5.49 -2.67 9.96
C VAL A 200 5.75 -1.84 8.71
N TRP A 201 5.58 -0.52 8.80
CA TRP A 201 5.84 0.37 7.66
C TRP A 201 7.21 1.04 7.83
N THR A 202 8.07 0.93 6.84
CA THR A 202 9.37 1.59 6.86
C THR A 202 9.47 2.54 5.65
N GLY A 203 9.81 3.81 5.90
CA GLY A 203 9.92 4.81 4.87
C GLY A 203 11.32 5.28 4.53
N GLY A 204 11.53 5.58 3.25
CA GLY A 204 12.73 6.29 2.85
C GLY A 204 12.48 7.80 2.89
N ASP A 205 12.43 8.46 1.74
CA ASP A 205 12.09 9.88 1.71
C ASP A 205 10.60 10.01 1.97
N THR A 206 10.27 10.55 3.14
CA THR A 206 8.91 10.59 3.66
C THR A 206 8.59 12.06 3.78
N HIS A 207 7.62 12.54 3.00
CA HIS A 207 7.54 13.95 2.76
C HIS A 207 6.10 14.45 2.71
N LEU A 208 5.94 15.75 2.98
CA LEU A 208 4.70 16.50 2.77
C LEU A 208 4.96 17.53 1.65
N MET A 209 4.05 17.63 0.67
CA MET A 209 4.15 18.67 -0.35
C MET A 209 4.00 20.04 0.29
N SER A 210 4.82 21.01 -0.10
CA SER A 210 4.72 22.34 0.58
C SER A 210 3.38 23.07 0.44
N ASN A 211 2.60 22.72 -0.59
CA ASN A 211 1.26 23.31 -0.77
C ASN A 211 0.20 22.53 -0.01
N HIS A 212 0.61 21.69 0.94
CA HIS A 212 -0.35 20.95 1.76
C HIS A 212 -0.26 21.33 3.23
N MET A 213 0.34 22.47 3.50
CA MET A 213 0.46 22.97 4.87
C MET A 213 -0.87 23.20 5.59
N ASP A 214 -1.88 23.71 4.89
CA ASP A 214 -3.13 24.04 5.52
C ASP A 214 -3.95 22.82 5.85
N GLN A 215 -4.01 21.91 4.87
CA GLN A 215 -4.65 20.61 5.01
C GLN A 215 -4.02 19.77 6.16
N THR A 216 -2.72 19.90 6.32
CA THR A 216 -1.98 19.13 7.34
C THR A 216 -2.31 19.68 8.71
N HIS A 217 -2.25 21.01 8.85
CA HIS A 217 -2.73 21.70 10.06
C HIS A 217 -4.15 21.38 10.41
N LEU A 218 -5.03 21.38 9.43
CA LEU A 218 -6.41 21.01 9.66
C LEU A 218 -6.51 19.60 10.21
N GLN A 219 -5.91 18.62 9.53
CA GLN A 219 -5.99 17.22 9.97
C GLN A 219 -5.40 17.01 11.35
N LEU A 220 -4.26 17.63 11.64
CA LEU A 220 -3.60 17.49 12.95
C LEU A 220 -4.45 18.03 14.13
N SER A 221 -5.54 18.74 13.83
CA SER A 221 -6.38 19.31 14.88
C SER A 221 -7.46 18.30 15.26
N ARG A 222 -7.65 17.30 14.41
CA ARG A 222 -8.71 16.30 14.55
C ARG A 222 -8.30 15.13 15.47
N GLU A 223 -9.26 14.56 16.19
CA GLU A 223 -8.97 13.46 17.12
C GLU A 223 -9.29 12.14 16.46
N PRO A 224 -8.34 11.17 16.49
CA PRO A 224 -8.56 9.84 15.93
C PRO A 224 -9.77 9.16 16.58
N ARG A 225 -10.58 8.51 15.78
CA ARG A 225 -11.72 7.74 16.25
C ARG A 225 -11.24 6.30 16.40
N PRO A 226 -12.07 5.41 17.02
CA PRO A 226 -11.60 4.02 17.10
C PRO A 226 -11.41 3.43 15.70
N LEU A 227 -10.54 2.44 15.58
CA LEU A 227 -10.29 1.82 14.28
C LEU A 227 -11.43 0.90 13.87
N PRO A 228 -11.70 0.80 12.55
CA PRO A 228 -12.74 -0.16 12.14
C PRO A 228 -12.27 -1.61 12.13
N LYS A 229 -13.17 -2.49 11.75
CA LYS A 229 -12.90 -3.90 11.81
C LYS A 229 -13.10 -4.37 10.39
N LEU A 230 -12.17 -5.20 9.87
CA LEU A 230 -12.31 -5.74 8.53
C LEU A 230 -13.04 -7.07 8.56
N ILE A 231 -14.05 -7.23 7.71
CA ILE A 231 -14.71 -8.53 7.61
C ILE A 231 -14.50 -9.12 6.23
N ILE A 232 -14.05 -10.38 6.18
CA ILE A 232 -14.00 -11.09 4.90
C ILE A 232 -15.14 -12.12 4.83
N LYS A 233 -16.06 -11.92 3.88
CA LYS A 233 -17.37 -12.61 3.86
C LYS A 233 -17.31 -14.06 3.39
N ARG A 234 -16.19 -14.44 2.79
CA ARG A 234 -15.99 -15.81 2.30
C ARG A 234 -14.51 -16.13 2.19
N LYS A 235 -14.18 -17.42 2.18
CA LYS A 235 -12.83 -17.87 1.92
C LYS A 235 -12.71 -18.46 0.51
N PRO A 236 -12.15 -17.70 -0.45
CA PRO A 236 -11.95 -18.25 -1.78
C PRO A 236 -10.93 -19.39 -1.74
N GLU A 237 -10.86 -20.16 -2.82
CA GLU A 237 -9.94 -21.30 -2.87
C GLU A 237 -8.50 -20.91 -3.26
N SER A 238 -8.28 -19.63 -3.52
CA SER A 238 -7.02 -19.11 -4.01
C SER A 238 -6.90 -17.61 -3.70
N ILE A 239 -5.67 -17.14 -3.54
CA ILE A 239 -5.39 -15.71 -3.31
C ILE A 239 -5.78 -14.90 -4.57
N PHE A 240 -5.98 -15.57 -5.69
CA PHE A 240 -6.35 -14.88 -6.94
C PHE A 240 -7.85 -14.87 -7.19
N ASP A 241 -8.61 -15.45 -6.26
CA ASP A 241 -10.07 -15.57 -6.47
C ASP A 241 -10.92 -14.65 -5.58
N TYR A 242 -10.29 -13.65 -4.99
CA TYR A 242 -11.02 -12.65 -4.24
C TYR A 242 -11.80 -11.75 -5.18
N ARG A 243 -12.92 -11.23 -4.68
CA ARG A 243 -13.75 -10.30 -5.43
C ARG A 243 -14.04 -9.13 -4.54
N PHE A 244 -14.38 -8.01 -5.18
CA PHE A 244 -14.64 -6.76 -4.47
C PHE A 244 -15.59 -6.92 -3.30
N GLU A 245 -16.68 -7.66 -3.52
CA GLU A 245 -17.76 -7.80 -2.55
C GLU A 245 -17.48 -8.74 -1.37
N ASP A 246 -16.31 -9.38 -1.38
CA ASP A 246 -15.88 -10.26 -0.28
C ASP A 246 -15.49 -9.49 0.95
N PHE A 247 -15.28 -8.19 0.82
CA PHE A 247 -14.73 -7.36 1.89
C PHE A 247 -15.76 -6.40 2.45
N GLU A 248 -15.77 -6.29 3.77
CA GLU A 248 -16.63 -5.33 4.42
C GLU A 248 -15.89 -4.67 5.55
N ILE A 249 -16.11 -3.38 5.72
CA ILE A 249 -15.45 -2.65 6.77
C ILE A 249 -16.55 -2.25 7.75
N GLU A 250 -16.37 -2.53 9.03
CA GLU A 250 -17.42 -2.28 9.99
C GLU A 250 -16.95 -1.27 11.03
N GLY A 251 -17.82 -0.35 11.42
CA GLY A 251 -17.44 0.60 12.46
C GLY A 251 -16.59 1.77 12.00
N TYR A 252 -16.65 2.09 10.71
CA TYR A 252 -15.81 3.17 10.20
C TYR A 252 -16.55 4.51 10.25
N ASP A 253 -16.09 5.41 11.11
CA ASP A 253 -16.71 6.71 11.31
C ASP A 253 -15.69 7.85 11.24
N PRO A 254 -15.25 8.20 10.03
CA PRO A 254 -14.20 9.17 9.81
C PRO A 254 -14.66 10.63 9.93
N HIS A 255 -13.75 11.54 10.24
CA HIS A 255 -14.01 12.96 10.08
C HIS A 255 -14.16 13.24 8.59
N PRO A 256 -14.63 14.45 8.23
CA PRO A 256 -14.85 14.65 6.78
C PRO A 256 -13.56 14.59 5.89
N GLY A 257 -13.76 14.34 4.59
CA GLY A 257 -12.69 14.34 3.60
C GLY A 257 -11.95 15.66 3.54
N ILE A 258 -10.66 15.59 3.17
CA ILE A 258 -9.86 16.77 2.89
C ILE A 258 -9.28 16.67 1.47
N LYS A 259 -9.50 17.68 0.63
CA LYS A 259 -8.97 17.65 -0.73
C LYS A 259 -7.57 18.19 -0.66
N ALA A 260 -6.62 17.53 -1.33
CA ALA A 260 -5.29 18.09 -1.42
C ALA A 260 -4.91 18.24 -2.90
N PRO A 261 -4.72 19.49 -3.34
CA PRO A 261 -4.50 19.69 -4.76
C PRO A 261 -3.05 19.48 -5.11
N VAL A 262 -2.78 19.18 -6.37
CA VAL A 262 -1.42 18.95 -6.82
C VAL A 262 -1.04 19.96 -7.91
N ALA A 263 0.24 20.32 -7.99
CA ALA A 263 0.78 21.06 -9.11
C ALA A 263 0.95 20.16 -10.33
N ILE A 264 0.95 20.73 -11.53
CA ILE A 264 1.28 19.94 -12.72
C ILE A 264 2.63 20.38 -13.30
S SO4 B . -16.89 13.96 3.25
O1 SO4 B . -16.27 15.25 3.55
O2 SO4 B . -18.32 14.20 3.02
O3 SO4 B . -16.25 13.40 2.06
O4 SO4 B . -16.77 13.06 4.41
P NDU C . 9.11 9.79 -7.05
OP1 NDU C . 9.86 11.00 -7.50
OP2 NDU C . 9.48 9.38 -5.64
OP3 NDU C . 9.10 8.66 -7.97
O5' NDU C . 7.56 10.28 -7.01
C5' NDU C . 6.52 9.42 -6.54
C4' NDU C . 5.63 10.26 -5.62
C3' NDU C . 6.19 10.56 -4.22
O3' NDU C . 5.55 11.74 -3.67
C2' NDU C . 5.79 9.34 -3.39
C1' NDU C . 4.43 9.09 -3.97
O4' NDU C . 4.46 9.51 -5.36
N1 NDU C . 3.84 7.74 -3.91
C2 NDU C . 3.34 7.25 -2.71
O2 NDU C . 3.48 7.87 -1.65
N3 NDU C . 2.71 6.08 -2.73
C4 NDU C . 2.45 5.39 -3.85
O4 NDU C . 1.83 4.30 -3.81
C5 NDU C . 2.96 5.95 -5.13
C6 NDU C . 4.02 6.89 -4.97
N5 NDU C . 2.76 5.29 -6.37
O51 NDU C . 2.07 4.26 -6.49
O52 NDU C . 3.35 5.81 -7.50
#